data_6YGI
#
_entry.id   6YGI
#
_cell.length_a   1.00
_cell.length_b   1.00
_cell.length_c   1.00
_cell.angle_alpha   90.00
_cell.angle_beta   90.00
_cell.angle_gamma   90.00
#
_symmetry.space_group_name_H-M   'P 1'
#
_entity_poly.entity_id   1
_entity_poly.type   'polypeptide(L)'
_entity_poly.pdbx_seq_one_letter_code
;MDINASRALANVYDLPDDFFPKIDDLVRDAKDALEPYWKSDSIKKHVLIATHFVDLIEDFWQTTQGMHEIAESLRAVGGS
GGAEIHAHLKAYAKINEESLDRARRLLWWHYNCLLWGEAQVTNYISRLRTWLSTPEKYRGRDAPTIEAITRPIQVAQGGR
KTTTGTRKPRGLEPRRRKVKTTVVYGRRRSKSRERRAPTPQRAGSPLPRSSSSHHRSPSPRK
;
_entity_poly.pdbx_strand_id   E,H,A,B,C,D
#
# COMPACT_ATOMS: atom_id res chain seq x y z
N SER A 210 -24.30 -5.71 -35.17
CA SER A 210 -23.71 -6.85 -34.51
C SER A 210 -24.70 -8.01 -34.43
N SER A 211 -24.39 -9.09 -35.14
CA SER A 211 -25.29 -10.25 -35.17
C SER A 211 -25.58 -10.75 -33.77
N SER A 212 -24.57 -10.74 -32.89
CA SER A 212 -24.76 -11.22 -31.53
C SER A 212 -25.47 -10.18 -30.68
N SER A 213 -26.20 -10.65 -29.68
CA SER A 213 -26.80 -9.74 -28.71
C SER A 213 -25.73 -8.93 -27.98
N HIS A 214 -24.79 -9.63 -27.32
CA HIS A 214 -23.64 -9.09 -26.51
C HIS A 214 -23.98 -7.73 -25.86
N HIS A 215 -25.20 -7.62 -25.32
CA HIS A 215 -25.73 -6.40 -24.65
C HIS A 215 -25.20 -6.31 -23.22
N ARG A 216 -25.19 -5.09 -22.65
CA ARG A 216 -24.71 -4.80 -21.28
C ARG A 216 -23.35 -5.47 -21.05
N SER A 217 -22.56 -5.62 -22.12
CA SER A 217 -21.19 -6.23 -22.13
C SER A 217 -21.22 -7.77 -22.26
N PRO A 218 -21.29 -8.62 -21.21
CA PRO A 218 -21.33 -10.08 -21.40
C PRO A 218 -22.64 -10.58 -22.04
N SER A 219 -22.60 -11.80 -22.57
CA SER A 219 -23.73 -12.49 -23.25
C SER A 219 -25.02 -12.35 -22.43
N PRO A 220 -26.16 -11.95 -23.05
CA PRO A 220 -27.45 -11.83 -22.37
C PRO A 220 -28.25 -13.13 -22.43
N ARG A 221 -28.99 -13.35 -21.35
CA ARG A 221 -29.80 -14.55 -21.20
C ARG A 221 -30.86 -14.63 -22.30
N LYS A 222 -31.43 -15.81 -22.45
CA LYS A 222 -32.57 -16.01 -23.34
C LYS A 222 -33.54 -17.02 -22.73
N SER B 210 22.73 32.47 -6.22
CA SER B 210 21.34 32.62 -5.78
C SER B 210 20.72 31.26 -5.51
N SER B 211 21.25 30.55 -4.52
CA SER B 211 20.75 29.23 -4.15
C SER B 211 20.69 29.12 -2.64
N SER B 212 19.69 28.39 -2.16
CA SER B 212 19.52 28.20 -0.73
C SER B 212 20.67 27.36 -0.17
N SER B 213 20.63 27.15 1.15
CA SER B 213 21.67 26.36 1.80
C SER B 213 21.71 24.94 1.23
N HIS B 214 20.65 24.17 1.45
CA HIS B 214 20.54 22.83 0.93
C HIS B 214 21.83 22.04 1.03
N HIS B 215 22.50 22.13 2.17
CA HIS B 215 23.80 21.52 2.34
C HIS B 215 23.67 20.09 2.84
N ARG B 216 24.54 19.22 2.33
CA ARG B 216 24.57 17.79 2.59
C ARG B 216 23.51 17.07 1.78
N SER B 217 22.70 17.78 0.99
CA SER B 217 21.66 17.21 0.19
C SER B 217 20.27 17.59 0.65
N PRO B 218 20.01 17.53 1.97
CA PRO B 218 18.76 18.07 2.50
C PRO B 218 18.90 19.52 2.93
N SER B 219 17.83 20.07 3.49
CA SER B 219 17.81 21.47 3.91
C SER B 219 18.22 21.57 5.38
N PRO B 220 19.12 22.47 5.75
CA PRO B 220 19.51 22.61 7.16
C PRO B 220 18.64 23.64 7.88
N ARG B 221 18.86 23.73 9.18
CA ARG B 221 18.06 24.60 10.04
C ARG B 221 18.52 26.04 9.87
N LYS B 222 18.01 26.92 10.73
CA LYS B 222 18.44 28.31 10.76
C LYS B 222 18.04 28.96 12.09
N MET C 1 -19.65 -25.63 -40.23
CA MET C 1 -20.86 -25.26 -39.45
C MET C 1 -21.26 -23.82 -39.74
N ASP C 2 -22.56 -23.59 -39.83
CA ASP C 2 -23.07 -22.24 -40.11
C ASP C 2 -22.81 -21.34 -38.91
N ILE C 3 -22.07 -20.26 -39.13
CA ILE C 3 -21.79 -19.30 -38.06
C ILE C 3 -23.09 -18.85 -37.40
N ASN C 4 -24.10 -18.54 -38.21
CA ASN C 4 -25.35 -18.01 -37.66
C ASN C 4 -26.03 -19.03 -36.77
N ALA C 5 -26.20 -20.26 -37.25
CA ALA C 5 -26.85 -21.29 -36.45
C ALA C 5 -26.04 -21.60 -35.19
N SER C 6 -24.72 -21.59 -35.30
CA SER C 6 -23.87 -21.80 -34.14
C SER C 6 -24.13 -20.74 -33.09
N ARG C 7 -23.94 -19.47 -33.45
CA ARG C 7 -24.18 -18.37 -32.52
C ARG C 7 -25.58 -18.42 -31.94
N ALA C 8 -26.56 -18.89 -32.72
CA ALA C 8 -27.92 -18.98 -32.19
C ALA C 8 -28.06 -20.11 -31.19
N LEU C 9 -27.32 -21.20 -31.38
CA LEU C 9 -27.38 -22.31 -30.45
C LEU C 9 -26.49 -22.12 -29.24
N ALA C 10 -25.54 -21.19 -29.31
CA ALA C 10 -24.59 -20.97 -28.22
C ALA C 10 -25.18 -20.01 -27.20
N ASN C 11 -25.36 -20.50 -25.98
CA ASN C 11 -25.72 -19.66 -24.86
C ASN C 11 -25.26 -20.34 -23.58
N VAL C 12 -24.73 -19.56 -22.65
CA VAL C 12 -24.10 -20.13 -21.47
C VAL C 12 -25.13 -20.57 -20.44
N TYR C 13 -26.36 -20.07 -20.51
CA TYR C 13 -27.39 -20.44 -19.56
C TYR C 13 -28.15 -21.70 -19.97
N ASP C 14 -27.90 -22.21 -21.17
CA ASP C 14 -28.53 -23.45 -21.62
C ASP C 14 -27.89 -24.69 -21.02
N LEU C 15 -26.71 -24.56 -20.45
CA LEU C 15 -25.91 -25.71 -20.05
C LEU C 15 -26.52 -26.38 -18.82
N PRO C 16 -26.06 -27.60 -18.50
CA PRO C 16 -26.80 -28.44 -17.54
C PRO C 16 -26.62 -28.08 -16.08
N ASP C 17 -25.67 -27.22 -15.73
CA ASP C 17 -25.30 -26.87 -14.36
C ASP C 17 -24.35 -27.90 -13.76
N ASP C 18 -24.04 -28.98 -14.47
CA ASP C 18 -23.00 -29.91 -14.07
C ASP C 18 -21.80 -29.85 -14.99
N PHE C 19 -21.85 -29.00 -16.02
CA PHE C 19 -20.77 -28.81 -16.97
C PHE C 19 -19.68 -27.90 -16.43
N PHE C 20 -19.90 -27.28 -15.29
CA PHE C 20 -19.05 -26.18 -14.86
C PHE C 20 -18.11 -26.64 -13.76
N PRO C 21 -16.79 -26.43 -13.90
CA PRO C 21 -15.87 -26.88 -12.86
C PRO C 21 -16.21 -26.27 -11.51
N LYS C 22 -15.76 -26.95 -10.46
CA LYS C 22 -15.99 -26.46 -9.11
C LYS C 22 -15.49 -25.02 -8.98
N ILE C 23 -16.11 -24.28 -8.06
CA ILE C 23 -15.88 -22.86 -7.98
C ILE C 23 -14.44 -22.57 -7.54
N ASP C 24 -13.89 -23.41 -6.66
CA ASP C 24 -12.52 -23.21 -6.22
C ASP C 24 -11.55 -23.28 -7.40
N ASP C 25 -11.65 -24.36 -8.19
CA ASP C 25 -10.78 -24.53 -9.35
C ASP C 25 -11.00 -23.40 -10.34
N LEU C 26 -12.25 -22.98 -10.54
CA LEU C 26 -12.53 -21.93 -11.50
C LEU C 26 -11.88 -20.62 -11.07
N VAL C 27 -12.03 -20.25 -9.81
CA VAL C 27 -11.44 -19.02 -9.30
C VAL C 27 -9.92 -19.09 -9.40
N ARG C 28 -9.34 -20.23 -9.02
CA ARG C 28 -7.89 -20.37 -9.08
C ARG C 28 -7.39 -20.18 -10.49
N ASP C 29 -8.00 -20.88 -11.46
CA ASP C 29 -7.59 -20.75 -12.85
C ASP C 29 -7.74 -19.32 -13.33
N ALA C 30 -8.85 -18.67 -12.97
CA ALA C 30 -9.08 -17.29 -13.41
C ALA C 30 -7.98 -16.37 -12.89
N LYS C 31 -7.69 -16.45 -11.59
CA LYS C 31 -6.65 -15.59 -11.01
C LYS C 31 -5.30 -15.87 -11.65
N ASP C 32 -4.95 -17.15 -11.81
CA ASP C 32 -3.64 -17.49 -12.35
C ASP C 32 -3.49 -17.07 -13.80
N ALA C 33 -4.59 -17.06 -14.56
CA ALA C 33 -4.54 -16.62 -15.94
C ALA C 33 -4.66 -15.12 -16.09
N LEU C 34 -5.17 -14.43 -15.07
CA LEU C 34 -5.34 -12.98 -15.14
C LEU C 34 -4.13 -12.23 -14.62
N GLU C 35 -3.39 -12.80 -13.66
CA GLU C 35 -2.22 -12.13 -13.10
C GLU C 35 -1.40 -11.35 -14.11
N PRO C 36 -1.04 -11.89 -15.28
CA PRO C 36 -0.28 -11.08 -16.25
C PRO C 36 -1.02 -9.81 -16.65
N TYR C 37 -2.29 -9.93 -17.00
CA TYR C 37 -3.06 -8.78 -17.45
C TYR C 37 -3.27 -7.79 -16.31
N TRP C 38 -3.41 -8.29 -15.08
CA TRP C 38 -3.45 -7.40 -13.92
C TRP C 38 -2.16 -6.60 -13.80
N LYS C 39 -1.02 -7.29 -13.69
CA LYS C 39 0.25 -6.59 -13.56
C LYS C 39 0.46 -5.59 -14.69
N SER C 40 -0.01 -5.92 -15.89
CA SER C 40 0.07 -4.98 -17.01
C SER C 40 -1.03 -3.94 -16.98
N ASP C 41 -1.99 -4.05 -16.06
CA ASP C 41 -3.10 -3.12 -15.96
C ASP C 41 -3.80 -2.98 -17.31
N SER C 42 -4.37 -4.11 -17.76
CA SER C 42 -5.02 -4.18 -19.06
C SER C 42 -6.51 -3.87 -18.92
N ILE C 43 -7.05 -3.25 -19.96
CA ILE C 43 -8.45 -2.82 -19.98
C ILE C 43 -9.28 -3.69 -20.91
N LYS C 44 -8.89 -4.94 -21.12
CA LYS C 44 -9.63 -5.82 -22.00
C LYS C 44 -10.95 -6.22 -21.36
N LYS C 45 -11.96 -6.43 -22.24
CA LYS C 45 -13.36 -6.70 -21.85
C LYS C 45 -13.38 -7.90 -20.89
N HIS C 46 -12.90 -9.04 -21.35
CA HIS C 46 -13.01 -10.28 -20.60
C HIS C 46 -12.17 -10.22 -19.33
N VAL C 47 -11.01 -9.56 -19.39
CA VAL C 47 -10.20 -9.37 -18.19
C VAL C 47 -11.02 -8.64 -17.13
N LEU C 48 -11.58 -7.49 -17.50
CA LEU C 48 -12.36 -6.69 -16.55
C LEU C 48 -13.50 -7.50 -15.95
N ILE C 49 -14.27 -8.08 -16.83
CA ILE C 49 -15.48 -8.80 -16.43
C ILE C 49 -15.12 -10.00 -15.53
N ALA C 50 -14.14 -10.84 -15.90
CA ALA C 50 -13.69 -11.98 -15.11
C ALA C 50 -13.15 -11.51 -13.76
N THR C 51 -12.47 -10.37 -13.73
CA THR C 51 -11.99 -9.82 -12.47
C THR C 51 -13.17 -9.49 -11.55
N HIS C 52 -14.16 -8.78 -12.09
CA HIS C 52 -15.34 -8.44 -11.30
C HIS C 52 -15.96 -9.69 -10.70
N PHE C 53 -16.10 -10.74 -11.51
CA PHE C 53 -16.81 -11.92 -11.04
C PHE C 53 -15.96 -12.76 -10.08
N VAL C 54 -14.65 -12.79 -10.27
CA VAL C 54 -13.76 -13.37 -9.28
C VAL C 54 -14.00 -12.69 -7.92
N ASP C 55 -13.99 -11.36 -7.92
CA ASP C 55 -14.22 -10.63 -6.68
C ASP C 55 -15.58 -10.98 -6.09
N LEU C 56 -16.61 -11.01 -6.94
CA LEU C 56 -17.97 -11.31 -6.46
C LEU C 56 -18.02 -12.67 -5.79
N ILE C 57 -17.46 -13.69 -6.44
CA ILE C 57 -17.43 -15.03 -5.86
C ILE C 57 -16.70 -15.00 -4.53
N GLU C 58 -15.43 -14.60 -4.55
CA GLU C 58 -14.63 -14.56 -3.34
C GLU C 58 -15.35 -13.88 -2.20
N ASP C 59 -16.19 -12.88 -2.52
CA ASP C 59 -16.89 -12.15 -1.47
C ASP C 59 -18.08 -12.92 -0.94
N PHE C 60 -18.95 -13.42 -1.82
CA PHE C 60 -20.28 -13.84 -1.40
C PHE C 60 -20.52 -15.35 -1.40
N TRP C 61 -19.67 -16.14 -2.04
CA TRP C 61 -19.92 -17.58 -2.11
C TRP C 61 -19.95 -18.20 -0.71
N GLN C 62 -18.88 -18.02 0.05
CA GLN C 62 -18.80 -18.63 1.37
C GLN C 62 -19.88 -18.07 2.29
N THR C 63 -20.25 -16.81 2.11
CA THR C 63 -21.33 -16.25 2.93
C THR C 63 -22.66 -16.91 2.64
N THR C 64 -22.97 -17.13 1.35
CA THR C 64 -24.20 -17.81 1.00
C THR C 64 -24.21 -19.24 1.53
N GLN C 65 -23.08 -19.94 1.41
CA GLN C 65 -23.02 -21.31 1.92
C GLN C 65 -23.21 -21.32 3.44
N GLY C 66 -22.59 -20.38 4.13
CA GLY C 66 -22.79 -20.26 5.57
C GLY C 66 -24.23 -19.96 5.91
N MET C 67 -24.90 -19.16 5.09
CA MET C 67 -26.31 -18.84 5.33
C MET C 67 -27.17 -20.08 5.18
N HIS C 68 -26.92 -20.89 4.15
CA HIS C 68 -27.66 -22.13 3.99
C HIS C 68 -27.43 -23.06 5.18
N GLU C 69 -26.18 -23.21 5.58
CA GLU C 69 -25.87 -24.06 6.73
C GLU C 69 -26.56 -23.56 7.98
N ILE C 70 -26.55 -22.24 8.18
CA ILE C 70 -27.18 -21.65 9.36
C ILE C 70 -28.68 -21.90 9.34
N ALA C 71 -29.31 -21.76 8.16
CA ALA C 71 -30.73 -22.02 8.05
C ALA C 71 -31.05 -23.46 8.41
N GLU C 72 -30.27 -24.40 7.88
CA GLU C 72 -30.52 -25.81 8.19
C GLU C 72 -30.34 -26.09 9.67
N SER C 73 -29.24 -25.59 10.26
CA SER C 73 -29.01 -25.81 11.69
C SER C 73 -30.10 -25.18 12.53
N LEU C 74 -30.63 -24.03 12.11
CA LEU C 74 -31.66 -23.35 12.87
C LEU C 74 -32.99 -24.11 12.80
N ARG C 75 -33.30 -24.66 11.63
CA ARG C 75 -34.52 -25.46 11.52
C ARG C 75 -34.36 -26.81 12.20
N ALA C 76 -33.12 -27.27 12.39
CA ALA C 76 -32.89 -28.55 13.04
C ALA C 76 -32.93 -28.45 14.55
N VAL C 77 -32.20 -27.47 15.11
CA VAL C 77 -32.07 -27.35 16.56
C VAL C 77 -33.45 -27.27 17.21
N GLY C 78 -34.42 -26.69 16.53
CA GLY C 78 -35.77 -26.62 17.07
C GLY C 78 -36.48 -25.37 16.61
N GLY C 79 -37.76 -25.32 16.94
CA GLY C 79 -38.61 -24.18 16.63
C GLY C 79 -38.36 -22.95 17.47
N SER C 80 -37.37 -22.99 18.35
CA SER C 80 -37.08 -21.83 19.20
C SER C 80 -36.75 -20.59 18.39
N GLY C 81 -36.34 -20.75 17.13
CA GLY C 81 -36.00 -19.61 16.30
C GLY C 81 -37.21 -18.98 15.65
N GLY C 82 -37.97 -19.79 14.89
CA GLY C 82 -39.15 -19.30 14.22
C GLY C 82 -39.23 -19.76 12.78
N ALA C 83 -40.38 -19.55 12.15
CA ALA C 83 -40.55 -19.91 10.74
C ALA C 83 -40.24 -18.74 9.83
N GLU C 84 -40.58 -17.51 10.24
CA GLU C 84 -40.28 -16.34 9.43
C GLU C 84 -38.77 -16.17 9.26
N ILE C 85 -38.02 -16.38 10.34
CA ILE C 85 -36.56 -16.25 10.27
C ILE C 85 -35.99 -17.20 9.23
N HIS C 86 -36.37 -18.48 9.30
CA HIS C 86 -35.84 -19.47 8.38
C HIS C 86 -36.31 -19.21 6.96
N ALA C 87 -37.55 -18.77 6.79
CA ALA C 87 -38.05 -18.46 5.46
C ALA C 87 -37.26 -17.32 4.82
N HIS C 88 -37.08 -16.22 5.56
CA HIS C 88 -36.30 -15.11 5.04
C HIS C 88 -34.87 -15.53 4.73
N LEU C 89 -34.26 -16.31 5.62
CA LEU C 89 -32.90 -16.76 5.38
C LEU C 89 -32.81 -17.59 4.11
N LYS C 90 -33.74 -18.54 3.94
CA LYS C 90 -33.72 -19.39 2.75
C LYS C 90 -33.96 -18.57 1.49
N ALA C 91 -34.84 -17.57 1.55
CA ALA C 91 -35.09 -16.75 0.38
C ALA C 91 -33.88 -15.92 0.00
N TYR C 92 -33.23 -15.31 0.99
CA TYR C 92 -32.00 -14.57 0.72
C TYR C 92 -30.94 -15.48 0.11
N ALA C 93 -30.78 -16.68 0.68
CA ALA C 93 -29.78 -17.61 0.16
C ALA C 93 -30.13 -18.02 -1.27
N LYS C 94 -31.41 -18.20 -1.55
CA LYS C 94 -31.84 -18.57 -2.90
C LYS C 94 -31.49 -17.48 -3.90
N ILE C 95 -31.80 -16.23 -3.57
CA ILE C 95 -31.50 -15.13 -4.47
C ILE C 95 -29.99 -15.04 -4.68
N ASN C 96 -29.22 -15.14 -3.60
CA ASN C 96 -27.78 -15.01 -3.70
C ASN C 96 -27.19 -16.14 -4.53
N GLU C 97 -27.70 -17.36 -4.38
CA GLU C 97 -27.15 -18.47 -5.15
C GLU C 97 -27.56 -18.39 -6.62
N GLU C 98 -28.73 -17.83 -6.92
CA GLU C 98 -29.04 -17.54 -8.32
C GLU C 98 -28.05 -16.55 -8.91
N SER C 99 -27.82 -15.44 -8.21
CA SER C 99 -26.86 -14.46 -8.69
C SER C 99 -25.47 -15.09 -8.84
N LEU C 100 -25.11 -16.00 -7.93
CA LEU C 100 -23.80 -16.61 -7.99
C LEU C 100 -23.69 -17.63 -9.11
N ASP C 101 -24.78 -18.34 -9.41
CA ASP C 101 -24.78 -19.20 -10.59
C ASP C 101 -24.57 -18.38 -11.85
N ARG C 102 -25.24 -17.24 -11.95
CA ARG C 102 -25.01 -16.36 -13.09
C ARG C 102 -23.56 -15.92 -13.16
N ALA C 103 -23.01 -15.50 -12.02
CA ALA C 103 -21.62 -15.06 -11.97
C ALA C 103 -20.66 -16.18 -12.38
N ARG C 104 -20.93 -17.39 -11.90
CA ARG C 104 -20.10 -18.55 -12.24
C ARG C 104 -20.12 -18.82 -13.73
N ARG C 105 -21.32 -18.87 -14.32
CA ARG C 105 -21.43 -19.09 -15.76
C ARG C 105 -20.68 -18.02 -16.54
N LEU C 106 -20.83 -16.75 -16.15
CA LEU C 106 -20.22 -15.70 -16.93
C LEU C 106 -18.72 -15.64 -16.73
N LEU C 107 -18.25 -16.00 -15.53
CA LEU C 107 -16.82 -16.12 -15.28
C LEU C 107 -16.22 -17.21 -16.16
N TRP C 108 -16.86 -18.38 -16.19
CA TRP C 108 -16.43 -19.43 -17.11
C TRP C 108 -16.37 -18.90 -18.54
N TRP C 109 -17.45 -18.27 -18.98
CA TRP C 109 -17.50 -17.77 -20.35
C TRP C 109 -16.34 -16.84 -20.65
N HIS C 110 -16.14 -15.85 -19.78
CA HIS C 110 -15.14 -14.75 -19.92
C HIS C 110 -13.71 -15.28 -19.83
N TYR C 111 -13.42 -16.23 -18.93
CA TYR C 111 -12.11 -16.85 -18.80
C TYR C 111 -11.79 -17.68 -20.05
N ASN C 112 -12.74 -18.49 -20.50
CA ASN C 112 -12.49 -19.33 -21.66
C ASN C 112 -12.35 -18.49 -22.93
N CYS C 113 -13.12 -17.40 -23.03
CA CYS C 113 -12.98 -16.52 -24.18
C CYS C 113 -11.62 -15.83 -24.17
N LEU C 114 -11.15 -15.44 -22.99
CA LEU C 114 -9.82 -14.86 -22.88
C LEU C 114 -8.75 -15.84 -23.35
N LEU C 115 -8.80 -17.07 -22.85
CA LEU C 115 -7.84 -18.08 -23.29
C LEU C 115 -7.90 -18.29 -24.79
N TRP C 116 -9.04 -18.80 -25.28
CA TRP C 116 -9.15 -19.27 -26.66
C TRP C 116 -9.67 -18.20 -27.60
N GLY C 117 -10.86 -17.67 -27.32
CA GLY C 117 -11.55 -16.81 -28.25
C GLY C 117 -13.03 -17.10 -28.25
N GLU C 118 -13.85 -16.05 -28.13
CA GLU C 118 -15.29 -16.26 -27.98
C GLU C 118 -15.86 -17.02 -29.17
N ALA C 119 -15.25 -16.89 -30.35
CA ALA C 119 -15.64 -17.72 -31.49
C ALA C 119 -15.47 -19.19 -31.18
N GLN C 120 -14.27 -19.58 -30.75
CA GLN C 120 -14.02 -20.96 -30.36
C GLN C 120 -14.98 -21.41 -29.27
N VAL C 121 -15.31 -20.51 -28.34
CA VAL C 121 -16.15 -20.91 -27.22
C VAL C 121 -17.59 -21.13 -27.66
N THR C 122 -18.09 -20.28 -28.56
CA THR C 122 -19.45 -20.49 -29.06
C THR C 122 -19.52 -21.74 -29.92
N ASN C 123 -18.49 -21.98 -30.74
CA ASN C 123 -18.42 -23.24 -31.47
C ASN C 123 -18.48 -24.43 -30.52
N TYR C 124 -17.66 -24.39 -29.47
CA TYR C 124 -17.65 -25.48 -28.51
C TYR C 124 -19.01 -25.66 -27.85
N ILE C 125 -19.69 -24.55 -27.54
CA ILE C 125 -20.99 -24.65 -26.88
C ILE C 125 -22.00 -25.29 -27.82
N SER C 126 -22.00 -24.90 -29.09
CA SER C 126 -22.92 -25.49 -30.05
C SER C 126 -22.64 -26.98 -30.23
N ARG C 127 -21.37 -27.34 -30.37
CA ARG C 127 -21.03 -28.75 -30.58
C ARG C 127 -21.37 -29.58 -29.34
N LEU C 128 -21.23 -29.01 -28.16
CA LEU C 128 -21.62 -29.72 -26.95
C LEU C 128 -23.14 -29.85 -26.84
N ARG C 129 -23.86 -28.81 -27.27
CA ARG C 129 -25.31 -28.91 -27.35
C ARG C 129 -25.72 -30.07 -28.22
N THR C 130 -25.12 -30.18 -29.41
CA THR C 130 -25.40 -31.32 -30.28
C THR C 130 -25.06 -32.64 -29.59
N TRP C 131 -23.83 -32.74 -29.08
CA TRP C 131 -23.41 -33.95 -28.38
C TRP C 131 -24.39 -34.36 -27.29
N LEU C 132 -25.04 -33.38 -26.66
CA LEU C 132 -25.97 -33.69 -25.58
C LEU C 132 -27.35 -34.03 -26.10
N SER C 133 -27.74 -33.49 -27.25
CA SER C 133 -29.02 -33.85 -27.83
C SER C 133 -28.99 -35.28 -28.37
N THR C 134 -27.87 -35.67 -28.97
CA THR C 134 -27.71 -37.02 -29.49
C THR C 134 -27.84 -38.04 -28.36
N PRO C 135 -28.22 -39.28 -28.66
CA PRO C 135 -28.20 -40.33 -27.64
C PRO C 135 -26.80 -40.93 -27.49
N GLU C 136 -26.58 -41.49 -26.31
CA GLU C 136 -25.27 -42.03 -25.95
C GLU C 136 -24.72 -42.97 -27.02
N LYS C 137 -25.60 -43.70 -27.69
CA LYS C 137 -25.15 -44.79 -28.57
C LYS C 137 -24.44 -44.24 -29.81
N TYR C 138 -25.07 -43.31 -30.52
CA TYR C 138 -24.57 -42.82 -31.80
C TYR C 138 -23.74 -41.55 -31.66
N ARG C 139 -23.14 -41.33 -30.50
CA ARG C 139 -22.25 -40.19 -30.29
C ARG C 139 -20.94 -40.68 -29.72
N GLY C 140 -19.94 -39.80 -29.78
CA GLY C 140 -18.66 -40.08 -29.16
C GLY C 140 -18.81 -40.58 -27.74
N ARG C 141 -17.91 -41.46 -27.31
CA ARG C 141 -17.97 -41.99 -25.96
C ARG C 141 -17.45 -41.00 -24.93
N ASP C 142 -16.76 -39.95 -25.37
CA ASP C 142 -16.34 -38.85 -24.50
C ASP C 142 -16.61 -37.53 -25.21
N ALA C 143 -17.04 -36.54 -24.43
CA ALA C 143 -17.49 -35.28 -25.00
C ALA C 143 -16.34 -34.54 -25.66
N PRO C 144 -16.65 -33.57 -26.52
CA PRO C 144 -15.60 -32.78 -27.18
C PRO C 144 -15.02 -31.75 -26.22
N THR C 145 -14.16 -30.90 -26.78
CA THR C 145 -13.54 -29.82 -26.03
C THR C 145 -12.86 -28.91 -27.04
N ILE C 146 -12.48 -27.71 -26.57
CA ILE C 146 -12.02 -26.67 -27.49
C ILE C 146 -10.71 -27.10 -28.12
N GLU C 147 -10.66 -27.06 -29.45
CA GLU C 147 -9.48 -27.48 -30.20
C GLU C 147 -9.03 -28.87 -29.77
N ALA C 148 -10.00 -29.73 -29.47
CA ALA C 148 -9.73 -31.09 -29.03
C ALA C 148 -10.60 -32.08 -29.80
N ILE D 3 -0.75 3.59 -12.31
CA ILE D 3 -0.12 4.54 -11.41
C ILE D 3 -1.18 5.51 -10.87
N ASN D 4 -1.48 6.55 -11.65
CA ASN D 4 -2.48 7.51 -11.22
C ASN D 4 -3.85 6.86 -11.05
N ALA D 5 -4.13 5.80 -11.81
CA ALA D 5 -5.40 5.11 -11.66
C ALA D 5 -5.55 4.54 -10.25
N SER D 6 -4.61 3.68 -9.86
CA SER D 6 -4.65 3.12 -8.51
C SER D 6 -4.52 4.20 -7.45
N ARG D 7 -3.81 5.29 -7.75
CA ARG D 7 -3.70 6.40 -6.81
C ARG D 7 -5.06 7.01 -6.52
N ALA D 8 -5.76 7.42 -7.58
CA ALA D 8 -7.09 8.00 -7.39
C ALA D 8 -8.07 7.00 -6.81
N LEU D 9 -7.89 5.71 -7.11
CA LEU D 9 -8.75 4.70 -6.50
C LEU D 9 -8.54 4.66 -5.00
N ALA D 10 -7.27 4.58 -4.56
CA ALA D 10 -6.99 4.62 -3.14
C ALA D 10 -7.53 5.89 -2.50
N ASN D 11 -7.48 7.01 -3.23
CA ASN D 11 -8.11 8.23 -2.75
C ASN D 11 -9.60 8.01 -2.53
N VAL D 12 -10.28 7.43 -3.51
CA VAL D 12 -11.70 7.14 -3.38
C VAL D 12 -11.96 6.32 -2.13
N TYR D 13 -11.13 5.32 -1.87
CA TYR D 13 -11.26 4.55 -0.64
C TYR D 13 -10.95 5.39 0.59
N ASP D 14 -10.19 6.47 0.43
CA ASP D 14 -9.80 7.33 1.54
C ASP D 14 -10.77 8.52 1.61
N LEU D 15 -12.02 8.19 1.93
CA LEU D 15 -13.08 9.18 2.02
C LEU D 15 -14.02 8.79 3.15
N PRO D 16 -14.82 9.74 3.66
CA PRO D 16 -15.46 9.55 4.95
C PRO D 16 -16.71 8.68 4.95
N ASP D 17 -17.21 8.29 3.78
CA ASP D 17 -18.46 7.54 3.60
C ASP D 17 -19.68 8.44 3.72
N ASP D 18 -19.52 9.71 4.07
CA ASP D 18 -20.61 10.68 4.01
C ASP D 18 -20.54 11.53 2.75
N PHE D 19 -19.50 11.34 1.93
CA PHE D 19 -19.37 12.02 0.65
C PHE D 19 -20.14 11.32 -0.46
N PHE D 20 -20.56 10.09 -0.25
CA PHE D 20 -21.13 9.29 -1.31
C PHE D 20 -22.64 9.32 -1.24
N PRO D 21 -23.33 9.56 -2.35
CA PRO D 21 -24.79 9.69 -2.29
C PRO D 21 -25.45 8.41 -1.81
N LYS D 22 -26.76 8.51 -1.62
CA LYS D 22 -27.54 7.35 -1.20
C LYS D 22 -27.62 6.34 -2.34
N ILE D 23 -27.71 5.07 -1.97
CA ILE D 23 -27.58 4.00 -2.94
C ILE D 23 -28.72 4.04 -3.95
N ASP D 24 -29.92 4.44 -3.52
CA ASP D 24 -31.04 4.52 -4.43
C ASP D 24 -30.79 5.54 -5.53
N ASP D 25 -30.46 6.77 -5.13
CA ASP D 25 -30.10 7.81 -6.09
C ASP D 25 -28.99 7.32 -7.01
N LEU D 26 -27.98 6.65 -6.44
CA LEU D 26 -26.82 6.26 -7.23
C LEU D 26 -27.20 5.25 -8.30
N VAL D 27 -27.92 4.19 -7.91
CA VAL D 27 -28.32 3.17 -8.88
C VAL D 27 -29.26 3.76 -9.93
N ARG D 28 -30.21 4.60 -9.50
CA ARG D 28 -31.09 5.24 -10.47
C ARG D 28 -30.29 6.01 -11.51
N ASP D 29 -29.42 6.90 -11.05
CA ASP D 29 -28.63 7.71 -11.98
C ASP D 29 -27.78 6.83 -12.89
N ALA D 30 -27.19 5.77 -12.33
CA ALA D 30 -26.34 4.89 -13.13
C ALA D 30 -27.14 4.22 -14.24
N LYS D 31 -28.29 3.64 -13.88
CA LYS D 31 -29.13 3.00 -14.88
C LYS D 31 -29.57 3.99 -15.95
N ASP D 32 -29.99 5.19 -15.52
CA ASP D 32 -30.41 6.20 -16.48
C ASP D 32 -29.29 6.51 -17.47
N ALA D 33 -28.06 6.64 -16.99
CA ALA D 33 -26.96 7.00 -17.87
C ALA D 33 -26.51 5.82 -18.73
N LEU D 34 -26.71 4.60 -18.26
CA LEU D 34 -26.16 3.43 -18.95
C LEU D 34 -27.10 2.86 -19.99
N GLU D 35 -28.41 2.79 -19.68
CA GLU D 35 -29.38 2.24 -20.63
C GLU D 35 -29.13 2.63 -22.08
N PRO D 36 -28.87 3.90 -22.42
CA PRO D 36 -28.51 4.20 -23.81
C PRO D 36 -27.32 3.39 -24.30
N TYR D 37 -26.29 3.23 -23.45
CA TYR D 37 -25.12 2.47 -23.86
C TYR D 37 -25.46 1.00 -24.03
N TRP D 38 -26.38 0.48 -23.22
CA TRP D 38 -26.84 -0.89 -23.40
C TRP D 38 -27.53 -1.05 -24.75
N LYS D 39 -28.47 -0.15 -25.06
CA LYS D 39 -29.15 -0.23 -26.35
C LYS D 39 -28.16 -0.07 -27.51
N SER D 40 -27.09 0.68 -27.30
CA SER D 40 -26.08 0.86 -28.32
C SER D 40 -25.04 -0.25 -28.35
N ASP D 41 -25.07 -1.16 -27.38
CA ASP D 41 -24.11 -2.27 -27.30
C ASP D 41 -22.68 -1.74 -27.32
N SER D 42 -22.38 -0.90 -26.32
CA SER D 42 -21.07 -0.24 -26.10
C SER D 42 -20.23 -1.10 -25.15
N ILE D 43 -18.91 -1.16 -25.35
CA ILE D 43 -18.00 -1.98 -24.51
C ILE D 43 -17.03 -1.04 -23.78
N LYS D 44 -17.48 0.18 -23.44
CA LYS D 44 -16.65 1.12 -22.71
C LYS D 44 -16.36 0.61 -21.30
N LYS D 45 -15.17 0.93 -20.80
CA LYS D 45 -14.73 0.39 -19.52
C LYS D 45 -15.66 0.79 -18.40
N HIS D 46 -15.97 2.09 -18.31
CA HIS D 46 -16.83 2.57 -17.24
C HIS D 46 -18.22 1.98 -17.35
N VAL D 47 -18.65 1.77 -18.59
CA VAL D 47 -19.93 1.08 -18.88
C VAL D 47 -19.80 -0.32 -18.28
N LEU D 48 -18.77 -1.07 -18.64
CA LEU D 48 -18.56 -2.48 -18.19
C LEU D 48 -18.63 -2.59 -16.67
N ILE D 49 -17.99 -1.65 -15.96
CA ILE D 49 -17.79 -1.76 -14.53
C ILE D 49 -19.01 -1.26 -13.76
N ALA D 50 -19.57 -0.11 -14.18
CA ALA D 50 -20.73 0.42 -13.50
C ALA D 50 -21.94 -0.49 -13.66
N THR D 51 -22.15 -1.04 -14.86
CA THR D 51 -23.21 -2.01 -15.06
C THR D 51 -23.10 -3.15 -14.08
N HIS D 52 -21.92 -3.77 -14.01
CA HIS D 52 -21.65 -4.98 -13.20
C HIS D 52 -21.79 -4.65 -11.71
N PHE D 53 -21.45 -3.43 -11.28
CA PHE D 53 -21.62 -3.05 -9.88
C PHE D 53 -23.09 -2.77 -9.57
N VAL D 54 -23.83 -2.18 -10.52
CA VAL D 54 -25.26 -2.00 -10.34
C VAL D 54 -25.93 -3.35 -10.12
N ASP D 55 -25.59 -4.33 -10.96
CA ASP D 55 -26.16 -5.67 -10.78
C ASP D 55 -25.80 -6.23 -9.41
N LEU D 56 -24.52 -6.12 -9.02
CA LEU D 56 -24.08 -6.60 -7.72
C LEU D 56 -24.93 -6.02 -6.60
N ILE D 57 -25.10 -4.69 -6.61
CA ILE D 57 -25.85 -4.03 -5.55
C ILE D 57 -27.29 -4.50 -5.56
N GLU D 58 -27.96 -4.36 -6.70
CA GLU D 58 -29.36 -4.75 -6.79
C GLU D 58 -29.56 -6.20 -6.37
N ASP D 59 -28.51 -7.01 -6.44
CA ASP D 59 -28.63 -8.42 -6.06
C ASP D 59 -28.47 -8.62 -4.56
N PHE D 60 -27.49 -7.95 -3.95
CA PHE D 60 -27.08 -8.34 -2.60
C PHE D 60 -27.39 -7.32 -1.50
N TRP D 61 -27.72 -6.07 -1.85
CA TRP D 61 -27.92 -5.06 -0.81
C TRP D 61 -29.06 -5.43 0.12
N GLN D 62 -30.22 -5.77 -0.43
CA GLN D 62 -31.37 -6.07 0.40
C GLN D 62 -31.14 -7.32 1.24
N THR D 63 -30.53 -8.35 0.65
CA THR D 63 -30.22 -9.54 1.42
C THR D 63 -29.31 -9.22 2.60
N THR D 64 -28.33 -8.35 2.40
CA THR D 64 -27.40 -8.03 3.48
C THR D 64 -28.09 -7.23 4.57
N GLN D 65 -28.90 -6.23 4.20
CA GLN D 65 -29.62 -5.47 5.21
C GLN D 65 -30.57 -6.37 5.99
N GLY D 66 -31.23 -7.31 5.30
CA GLY D 66 -32.11 -8.23 6.00
C GLY D 66 -31.35 -9.14 6.94
N MET D 67 -30.16 -9.60 6.52
CA MET D 67 -29.32 -10.37 7.42
C MET D 67 -29.02 -9.58 8.69
N HIS D 68 -28.60 -8.32 8.52
CA HIS D 68 -28.32 -7.48 9.68
C HIS D 68 -29.54 -7.40 10.60
N GLU D 69 -30.70 -7.08 10.04
CA GLU D 69 -31.87 -6.84 10.88
C GLU D 69 -32.32 -8.11 11.59
N ILE D 70 -32.32 -9.25 10.89
CA ILE D 70 -32.78 -10.48 11.52
C ILE D 70 -31.77 -10.94 12.56
N ALA D 71 -30.48 -10.73 12.32
CA ALA D 71 -29.48 -11.06 13.33
C ALA D 71 -29.71 -10.25 14.59
N GLU D 72 -29.87 -8.94 14.46
CA GLU D 72 -30.11 -8.11 15.63
C GLU D 72 -31.39 -8.52 16.35
N SER D 73 -32.45 -8.84 15.59
CA SER D 73 -33.71 -9.20 16.22
C SER D 73 -33.60 -10.52 16.97
N LEU D 74 -33.03 -11.54 16.35
CA LEU D 74 -32.91 -12.83 17.02
C LEU D 74 -31.95 -12.76 18.20
N ARG D 75 -30.97 -11.86 18.16
CA ARG D 75 -30.10 -11.69 19.31
C ARG D 75 -30.83 -11.01 20.46
N ALA D 76 -31.62 -9.99 20.15
CA ALA D 76 -32.48 -9.40 21.17
C ALA D 76 -33.39 -10.45 21.78
N VAL D 77 -33.91 -11.36 20.94
CA VAL D 77 -34.69 -12.48 21.45
C VAL D 77 -33.86 -13.32 22.42
N GLY D 78 -32.67 -13.74 21.98
CA GLY D 78 -31.72 -14.42 22.85
C GLY D 78 -31.92 -15.91 22.96
N GLY D 79 -33.16 -16.38 22.83
CA GLY D 79 -33.49 -17.77 23.03
C GLY D 79 -33.51 -18.62 21.77
N SER D 80 -32.92 -18.13 20.67
CA SER D 80 -32.88 -18.87 19.42
C SER D 80 -31.46 -19.37 19.18
N GLY D 81 -31.29 -20.69 19.20
CA GLY D 81 -29.99 -21.28 18.99
C GLY D 81 -28.96 -20.81 19.99
N GLY D 82 -28.02 -20.00 19.55
CA GLY D 82 -26.99 -19.48 20.43
C GLY D 82 -26.25 -18.34 19.77
N ALA D 83 -25.33 -17.75 20.52
CA ALA D 83 -24.52 -16.66 20.00
C ALA D 83 -23.72 -17.06 18.77
N GLU D 84 -23.58 -18.36 18.51
CA GLU D 84 -22.85 -18.80 17.31
C GLU D 84 -23.54 -18.29 16.05
N ILE D 85 -24.87 -18.42 15.99
CA ILE D 85 -25.61 -18.00 14.81
C ILE D 85 -25.45 -16.49 14.60
N HIS D 86 -25.64 -15.72 15.67
CA HIS D 86 -25.53 -14.28 15.57
C HIS D 86 -24.12 -13.85 15.17
N ALA D 87 -23.10 -14.53 15.70
CA ALA D 87 -21.73 -14.16 15.36
C ALA D 87 -21.41 -14.47 13.91
N HIS D 88 -21.86 -15.65 13.45
CA HIS D 88 -21.70 -16.13 12.06
C HIS D 88 -22.38 -15.12 11.12
N LEU D 89 -23.60 -14.69 11.46
CA LEU D 89 -24.36 -13.72 10.68
C LEU D 89 -23.67 -12.37 10.65
N LYS D 90 -23.18 -11.91 11.80
CA LYS D 90 -22.49 -10.64 11.86
C LYS D 90 -21.24 -10.64 10.99
N ALA D 91 -20.47 -11.73 11.03
CA ALA D 91 -19.26 -11.81 10.22
C ALA D 91 -19.61 -11.75 8.73
N TYR D 92 -20.59 -12.55 8.31
CA TYR D 92 -21.00 -12.55 6.91
C TYR D 92 -21.50 -11.18 6.50
N ALA D 93 -22.29 -10.54 7.36
CA ALA D 93 -22.83 -9.22 7.04
C ALA D 93 -21.74 -8.19 6.94
N LYS D 94 -20.71 -8.28 7.79
CA LYS D 94 -19.59 -7.36 7.69
C LYS D 94 -18.84 -7.53 6.38
N ILE D 95 -18.58 -8.77 6.00
CA ILE D 95 -17.89 -9.04 4.73
C ILE D 95 -18.70 -8.45 3.58
N ASN D 96 -19.99 -8.74 3.54
CA ASN D 96 -20.82 -8.25 2.46
C ASN D 96 -20.97 -6.73 2.50
N GLU D 97 -20.96 -6.14 3.70
CA GLU D 97 -21.07 -4.70 3.82
C GLU D 97 -19.85 -4.00 3.27
N GLU D 98 -18.65 -4.50 3.58
CA GLU D 98 -17.45 -3.87 3.04
C GLU D 98 -17.38 -4.09 1.52
N SER D 99 -17.81 -5.27 1.05
CA SER D 99 -17.84 -5.49 -0.39
C SER D 99 -18.77 -4.50 -1.08
N LEU D 100 -19.96 -4.29 -0.50
CA LEU D 100 -20.92 -3.37 -1.10
C LEU D 100 -20.46 -1.93 -0.98
N ASP D 101 -19.74 -1.58 0.08
CA ASP D 101 -19.18 -0.24 0.18
C ASP D 101 -18.17 0.00 -0.94
N ARG D 102 -17.28 -0.97 -1.17
CA ARG D 102 -16.35 -0.84 -2.29
C ARG D 102 -17.09 -0.73 -3.60
N ALA D 103 -18.18 -1.49 -3.76
CA ALA D 103 -18.96 -1.43 -4.99
C ALA D 103 -19.59 -0.06 -5.17
N ARG D 104 -20.19 0.47 -4.11
CA ARG D 104 -20.79 1.79 -4.14
C ARG D 104 -19.76 2.85 -4.55
N ARG D 105 -18.57 2.80 -3.95
CA ARG D 105 -17.54 3.77 -4.26
C ARG D 105 -17.10 3.67 -5.72
N LEU D 106 -16.80 2.45 -6.19
CA LEU D 106 -16.37 2.30 -7.57
C LEU D 106 -17.47 2.68 -8.55
N LEU D 107 -18.73 2.44 -8.17
CA LEU D 107 -19.85 2.83 -9.03
C LEU D 107 -19.93 4.33 -9.14
N TRP D 108 -19.86 5.03 -8.01
CA TRP D 108 -19.78 6.49 -8.05
C TRP D 108 -18.65 6.95 -8.97
N TRP D 109 -17.45 6.42 -8.74
CA TRP D 109 -16.29 6.83 -9.52
C TRP D 109 -16.55 6.67 -11.01
N HIS D 110 -17.02 5.48 -11.42
CA HIS D 110 -17.11 5.19 -12.85
C HIS D 110 -18.28 5.92 -13.49
N TYR D 111 -19.40 6.02 -12.78
CA TYR D 111 -20.52 6.82 -13.27
C TYR D 111 -20.09 8.25 -13.54
N ASN D 112 -19.43 8.89 -12.57
CA ASN D 112 -19.05 10.28 -12.75
C ASN D 112 -17.98 10.43 -13.82
N CYS D 113 -17.03 9.49 -13.87
CA CYS D 113 -16.04 9.54 -14.94
C CYS D 113 -16.72 9.47 -16.30
N LEU D 114 -17.68 8.56 -16.45
CA LEU D 114 -18.40 8.41 -17.70
C LEU D 114 -19.10 9.70 -18.08
N LEU D 115 -19.92 10.25 -17.17
CA LEU D 115 -20.64 11.47 -17.50
C LEU D 115 -19.68 12.60 -17.83
N TRP D 116 -18.85 13.01 -16.86
CA TRP D 116 -18.10 14.24 -16.95
C TRP D 116 -16.69 14.05 -17.51
N GLY D 117 -15.92 13.12 -16.97
CA GLY D 117 -14.53 12.97 -17.37
C GLY D 117 -13.63 12.51 -16.26
N GLU D 118 -12.82 11.49 -16.56
CA GLU D 118 -11.96 10.92 -15.54
C GLU D 118 -11.01 11.96 -14.96
N ALA D 119 -10.54 12.89 -15.79
CA ALA D 119 -9.67 13.94 -15.29
C ALA D 119 -10.43 14.87 -14.34
N GLN D 120 -11.62 15.30 -14.75
CA GLN D 120 -12.41 16.21 -13.92
C GLN D 120 -12.78 15.57 -12.59
N VAL D 121 -12.85 14.24 -12.54
CA VAL D 121 -13.16 13.59 -11.27
C VAL D 121 -11.90 13.36 -10.46
N THR D 122 -10.79 13.01 -11.12
CA THR D 122 -9.54 12.77 -10.40
C THR D 122 -9.05 14.04 -9.73
N ASN D 123 -9.11 15.17 -10.44
CA ASN D 123 -8.65 16.42 -9.85
C ASN D 123 -9.49 16.77 -8.62
N TYR D 124 -10.81 16.69 -8.74
CA TYR D 124 -11.67 17.01 -7.61
C TYR D 124 -11.40 16.08 -6.44
N ILE D 125 -11.17 14.80 -6.71
CA ILE D 125 -10.97 13.84 -5.62
C ILE D 125 -9.64 14.09 -4.93
N SER D 126 -8.60 14.40 -5.71
CA SER D 126 -7.32 14.74 -5.11
C SER D 126 -7.44 15.97 -4.22
N ARG D 127 -8.08 17.02 -4.74
CA ARG D 127 -8.26 18.23 -3.95
C ARG D 127 -9.03 17.96 -2.67
N LEU D 128 -10.10 17.17 -2.76
CA LEU D 128 -10.93 16.92 -1.59
C LEU D 128 -10.19 16.06 -0.57
N ARG D 129 -9.41 15.08 -1.03
CA ARG D 129 -8.66 14.25 -0.12
C ARG D 129 -7.59 15.06 0.60
N THR D 130 -6.90 15.93 -0.14
CA THR D 130 -5.94 16.84 0.49
C THR D 130 -6.64 17.72 1.53
N TRP D 131 -7.75 18.34 1.14
CA TRP D 131 -8.48 19.23 2.05
C TRP D 131 -8.90 18.50 3.32
N LEU D 132 -9.26 17.23 3.20
CA LEU D 132 -9.70 16.46 4.37
C LEU D 132 -8.52 16.04 5.22
N SER D 133 -7.37 15.76 4.61
CA SER D 133 -6.20 15.35 5.35
C SER D 133 -5.77 16.43 6.35
N THR D 134 -5.65 17.68 5.88
CA THR D 134 -5.03 18.72 6.66
C THR D 134 -5.72 18.91 8.01
N PRO D 135 -5.05 19.60 8.96
CA PRO D 135 -5.52 19.58 10.36
C PRO D 135 -6.54 20.64 10.73
N GLU D 136 -7.17 21.29 9.75
CA GLU D 136 -8.22 22.29 9.94
C GLU D 136 -7.66 23.68 10.25
N LYS D 137 -6.34 23.85 10.33
CA LYS D 137 -5.72 25.14 10.54
C LYS D 137 -5.05 25.68 9.31
N TYR D 138 -4.91 24.87 8.27
CA TYR D 138 -4.26 25.24 7.02
C TYR D 138 -5.12 24.82 5.84
N ARG D 139 -6.45 24.85 6.03
CA ARG D 139 -7.38 24.12 5.18
C ARG D 139 -8.04 25.00 4.12
N GLY D 140 -8.76 26.03 4.53
CA GLY D 140 -9.53 26.83 3.60
C GLY D 140 -10.92 27.19 4.09
N ARG D 141 -11.42 26.44 5.07
CA ARG D 141 -12.70 26.71 5.73
C ARG D 141 -13.90 26.32 4.86
N ASP D 142 -13.67 25.93 3.62
CA ASP D 142 -14.76 25.55 2.74
C ASP D 142 -14.29 24.42 1.84
N ALA D 143 -14.91 23.25 1.97
CA ALA D 143 -14.52 22.10 1.18
C ALA D 143 -14.67 22.40 -0.31
N PRO D 144 -13.98 21.64 -1.15
CA PRO D 144 -14.24 21.74 -2.60
C PRO D 144 -15.56 21.08 -2.93
N THR D 145 -16.43 21.82 -3.61
CA THR D 145 -17.76 21.34 -3.92
C THR D 145 -17.79 20.68 -5.28
N ILE D 146 -18.72 19.73 -5.44
CA ILE D 146 -18.73 18.85 -6.60
C ILE D 146 -19.02 19.58 -7.91
N GLU D 147 -19.40 20.85 -7.87
CA GLU D 147 -19.72 21.57 -9.09
C GLU D 147 -18.50 21.83 -9.96
N ALA D 148 -17.31 21.40 -9.54
CA ALA D 148 -16.12 21.59 -10.36
C ALA D 148 -16.04 20.55 -11.47
N ILE D 149 -16.59 19.36 -11.24
CA ILE D 149 -16.62 18.35 -12.29
C ILE D 149 -17.40 18.85 -13.49
N THR D 150 -18.47 19.60 -13.24
CA THR D 150 -19.41 19.94 -14.29
C THR D 150 -18.83 20.95 -15.27
N ARG D 151 -17.89 21.77 -14.82
CA ARG D 151 -17.35 22.84 -15.65
C ARG D 151 -16.10 22.35 -16.38
N PRO D 152 -16.05 22.44 -17.70
CA PRO D 152 -14.84 22.02 -18.42
C PRO D 152 -13.68 22.97 -18.18
N ILE D 153 -12.53 22.61 -18.73
CA ILE D 153 -11.33 23.42 -18.60
C ILE D 153 -10.60 23.47 -19.94
N MET E 1 23.26 -1.49 -9.24
CA MET E 1 24.72 -1.46 -9.56
C MET E 1 25.16 -2.83 -10.09
N ASP E 2 26.47 -2.97 -10.30
CA ASP E 2 27.01 -4.24 -10.76
C ASP E 2 26.81 -5.33 -9.72
N ILE E 3 26.64 -6.56 -10.20
CA ILE E 3 26.54 -7.70 -9.29
C ILE E 3 27.85 -7.91 -8.55
N ASN E 4 28.97 -7.47 -9.12
CA ASN E 4 30.23 -7.48 -8.40
C ASN E 4 30.13 -6.62 -7.14
N ALA E 5 29.70 -5.37 -7.30
CA ALA E 5 29.55 -4.48 -6.16
C ALA E 5 28.51 -5.03 -5.19
N SER E 6 27.45 -5.65 -5.71
CA SER E 6 26.45 -6.25 -4.82
C SER E 6 27.05 -7.36 -3.98
N ARG E 7 27.87 -8.22 -4.60
CA ARG E 7 28.57 -9.26 -3.87
C ARG E 7 29.47 -8.65 -2.81
N ALA E 8 30.23 -7.62 -3.18
CA ALA E 8 31.15 -7.01 -2.25
C ALA E 8 30.40 -6.44 -1.04
N LEU E 9 29.28 -5.76 -1.28
CA LEU E 9 28.51 -5.18 -0.19
C LEU E 9 27.89 -6.27 0.69
N ALA E 10 27.34 -7.32 0.07
CA ALA E 10 26.78 -8.41 0.86
C ALA E 10 27.85 -9.11 1.68
N ASN E 11 29.11 -9.06 1.22
CA ASN E 11 30.20 -9.61 2.00
C ASN E 11 30.54 -8.68 3.16
N VAL E 12 30.63 -7.38 2.89
CA VAL E 12 30.80 -6.39 3.94
C VAL E 12 29.81 -6.63 5.06
N TYR E 13 28.57 -6.98 4.69
CA TYR E 13 27.54 -7.23 5.68
C TYR E 13 27.91 -8.38 6.63
N ASP E 14 28.90 -9.21 6.28
CA ASP E 14 29.18 -10.43 7.01
C ASP E 14 30.67 -10.62 7.27
N LEU E 15 31.37 -9.55 7.62
CA LEU E 15 32.79 -9.61 7.88
C LEU E 15 33.05 -9.79 9.38
N PRO E 16 34.30 -10.09 9.77
CA PRO E 16 34.55 -10.57 11.14
C PRO E 16 34.28 -9.57 12.24
N ASP E 17 33.97 -8.32 11.94
CA ASP E 17 33.73 -7.24 12.89
C ASP E 17 35.03 -6.69 13.48
N ASP E 18 36.17 -7.31 13.23
CA ASP E 18 37.46 -6.73 13.60
C ASP E 18 38.12 -6.06 12.41
N PHE E 19 37.56 -6.20 11.22
CA PHE E 19 38.04 -5.53 10.02
C PHE E 19 37.65 -4.06 9.98
N PHE E 20 36.77 -3.62 10.86
CA PHE E 20 36.17 -2.31 10.74
C PHE E 20 36.80 -1.36 11.75
N PRO E 21 37.24 -0.17 11.32
CA PRO E 21 37.87 0.75 12.26
C PRO E 21 36.89 1.19 13.35
N LYS E 22 37.46 1.65 14.45
CA LYS E 22 36.65 2.17 15.54
C LYS E 22 35.70 3.26 15.02
N ILE E 23 34.51 3.30 15.62
CA ILE E 23 33.45 4.14 15.08
C ILE E 23 33.81 5.61 15.21
N ASP E 24 34.51 5.98 16.29
CA ASP E 24 34.97 7.35 16.44
C ASP E 24 35.84 7.75 15.26
N ASP E 25 36.84 6.93 14.94
CA ASP E 25 37.74 7.25 13.84
C ASP E 25 36.99 7.27 12.51
N LEU E 26 36.05 6.34 12.32
CA LEU E 26 35.30 6.30 11.08
C LEU E 26 34.48 7.56 10.89
N VAL E 27 33.75 7.97 11.94
CA VAL E 27 32.96 9.19 11.87
C VAL E 27 33.85 10.39 11.61
N ARG E 28 34.97 10.49 12.33
CA ARG E 28 35.90 11.58 12.14
C ARG E 28 36.34 11.68 10.68
N ASP E 29 36.85 10.58 10.14
CA ASP E 29 37.35 10.59 8.77
C ASP E 29 36.23 10.90 7.78
N ALA E 30 35.03 10.39 8.04
CA ALA E 30 33.90 10.66 7.15
C ALA E 30 33.59 12.15 7.11
N LYS E 31 33.44 12.76 8.28
CA LYS E 31 33.21 14.20 8.35
C LYS E 31 34.30 14.96 7.59
N ASP E 32 35.57 14.62 7.88
CA ASP E 32 36.67 15.38 7.32
C ASP E 32 36.75 15.24 5.80
N ALA E 33 36.38 14.07 5.27
CA ALA E 33 36.42 13.88 3.83
C ALA E 33 35.15 14.35 3.13
N LEU E 34 34.08 14.57 3.88
CA LEU E 34 32.82 14.99 3.28
C LEU E 34 32.63 16.49 3.28
N GLU E 35 33.17 17.21 4.27
CA GLU E 35 32.87 18.63 4.38
C GLU E 35 33.15 19.39 3.07
N PRO E 36 34.13 18.98 2.25
CA PRO E 36 34.24 19.64 0.94
C PRO E 36 33.01 19.44 0.07
N TYR E 37 32.50 18.21 0.01
CA TYR E 37 31.31 17.94 -0.79
C TYR E 37 30.09 18.60 -0.18
N TRP E 38 30.07 18.76 1.14
CA TRP E 38 29.00 19.54 1.78
C TRP E 38 29.04 20.98 1.30
N LYS E 39 30.20 21.63 1.41
CA LYS E 39 30.32 23.01 0.97
C LYS E 39 29.95 23.14 -0.51
N SER E 40 30.38 22.20 -1.33
CA SER E 40 30.03 22.22 -2.75
C SER E 40 28.60 21.78 -3.01
N ASP E 41 27.87 21.35 -1.98
CA ASP E 41 26.50 20.89 -2.11
C ASP E 41 26.37 19.90 -3.26
N SER E 42 27.07 18.77 -3.12
CA SER E 42 27.04 17.71 -4.11
C SER E 42 25.99 16.68 -3.73
N ILE E 43 25.48 15.98 -4.75
CA ILE E 43 24.35 15.08 -4.57
C ILE E 43 24.75 13.67 -4.99
N LYS E 44 26.01 13.32 -4.76
CA LYS E 44 26.52 12.03 -5.20
C LYS E 44 26.12 10.94 -4.22
N LYS E 45 25.75 9.79 -4.79
CA LYS E 45 25.22 8.66 -4.03
C LYS E 45 25.98 8.44 -2.72
N HIS E 46 27.31 8.29 -2.83
CA HIS E 46 28.10 7.96 -1.66
C HIS E 46 28.09 9.10 -0.66
N VAL E 47 28.17 10.34 -1.14
CA VAL E 47 28.12 11.49 -0.25
C VAL E 47 26.83 11.46 0.57
N LEU E 48 25.69 11.38 -0.12
CA LEU E 48 24.41 11.38 0.57
C LEU E 48 24.35 10.27 1.61
N ILE E 49 24.66 9.04 1.20
CA ILE E 49 24.46 7.90 2.08
C ILE E 49 25.40 7.98 3.28
N ALA E 50 26.67 8.30 3.04
CA ALA E 50 27.62 8.41 4.13
C ALA E 50 27.21 9.51 5.10
N THR E 51 26.81 10.67 4.58
CA THR E 51 26.37 11.76 5.44
C THR E 51 25.22 11.31 6.33
N HIS E 52 24.22 10.67 5.73
CA HIS E 52 23.04 10.28 6.50
C HIS E 52 23.39 9.24 7.55
N PHE E 53 24.29 8.30 7.22
CA PHE E 53 24.62 7.26 8.17
C PHE E 53 25.49 7.80 9.30
N VAL E 54 26.39 8.74 9.01
CA VAL E 54 27.18 9.33 10.08
C VAL E 54 26.30 10.14 11.00
N ASP E 55 25.31 10.85 10.45
CA ASP E 55 24.35 11.54 11.31
C ASP E 55 23.58 10.56 12.18
N LEU E 56 23.09 9.47 11.57
CA LEU E 56 22.40 8.42 12.33
C LEU E 56 23.24 7.94 13.50
N ILE E 57 24.51 7.65 13.24
CA ILE E 57 25.41 7.16 14.30
C ILE E 57 25.54 8.21 15.38
N GLU E 58 26.02 9.41 15.00
CA GLU E 58 26.15 10.52 15.93
C GLU E 58 24.96 10.60 16.86
N ASP E 59 23.76 10.45 16.31
CA ASP E 59 22.56 10.59 17.11
C ASP E 59 22.40 9.41 18.07
N PHE E 60 22.34 8.19 17.54
CA PHE E 60 21.80 7.07 18.31
C PHE E 60 22.85 6.18 18.98
N TRP E 61 24.13 6.33 18.66
CA TRP E 61 25.13 5.40 19.20
C TRP E 61 25.21 5.49 20.72
N GLN E 62 25.57 6.67 21.23
CA GLN E 62 25.68 6.84 22.68
C GLN E 62 24.37 6.55 23.38
N THR E 63 23.25 6.86 22.72
CA THR E 63 21.95 6.54 23.30
C THR E 63 21.80 5.04 23.54
N THR E 64 22.08 4.25 22.50
CA THR E 64 21.98 2.80 22.65
C THR E 64 22.96 2.27 23.68
N GLN E 65 24.17 2.82 23.70
CA GLN E 65 25.17 2.36 24.67
C GLN E 65 24.70 2.63 26.10
N GLY E 66 24.16 3.83 26.34
CA GLY E 66 23.63 4.12 27.66
C GLY E 66 22.42 3.27 28.00
N MET E 67 21.62 2.92 27.00
CA MET E 67 20.51 1.99 27.22
C MET E 67 21.04 0.65 27.73
N HIS E 68 22.03 0.09 27.05
CA HIS E 68 22.69 -1.12 27.54
C HIS E 68 23.17 -0.93 28.97
N GLU E 69 23.93 0.14 29.21
CA GLU E 69 24.49 0.39 30.53
C GLU E 69 23.40 0.35 31.60
N ILE E 70 22.30 1.07 31.38
CA ILE E 70 21.27 1.17 32.41
C ILE E 70 20.48 -0.12 32.52
N ALA E 71 20.39 -0.89 31.44
CA ALA E 71 19.77 -2.21 31.54
C ALA E 71 20.59 -3.11 32.46
N GLU E 72 21.91 -3.16 32.25
CA GLU E 72 22.76 -3.91 33.15
C GLU E 72 22.69 -3.35 34.57
N SER E 73 22.55 -2.04 34.71
CA SER E 73 22.48 -1.43 36.03
C SER E 73 21.24 -1.90 36.78
N LEU E 74 20.08 -1.89 36.11
CA LEU E 74 18.86 -2.35 36.76
C LEU E 74 18.92 -3.84 37.04
N ARG E 75 19.52 -4.63 36.14
CA ARG E 75 19.65 -6.06 36.40
C ARG E 75 20.54 -6.31 37.60
N ALA E 76 21.57 -5.49 37.79
CA ALA E 76 22.46 -5.66 38.93
C ALA E 76 21.79 -5.23 40.23
N VAL E 77 21.17 -4.05 40.24
CA VAL E 77 20.56 -3.54 41.46
C VAL E 77 19.37 -4.40 41.87
N GLY E 78 18.71 -5.03 40.91
CA GLY E 78 17.55 -5.84 41.23
C GLY E 78 16.32 -4.99 41.48
N GLY E 79 15.36 -5.59 42.19
CA GLY E 79 14.12 -4.92 42.48
C GLY E 79 13.33 -4.52 41.25
N SER E 80 13.58 -5.19 40.13
CA SER E 80 12.87 -4.87 38.89
C SER E 80 11.37 -5.05 39.07
N GLY E 81 10.61 -4.24 38.35
CA GLY E 81 9.18 -4.48 38.24
C GLY E 81 8.92 -5.40 37.07
N GLY E 82 8.85 -6.69 37.36
CA GLY E 82 8.78 -7.70 36.32
C GLY E 82 10.08 -7.78 35.55
N ALA E 83 10.35 -8.91 34.91
CA ALA E 83 11.51 -9.02 34.04
C ALA E 83 11.26 -8.39 32.68
N GLU E 84 9.99 -8.15 32.33
CA GLU E 84 9.67 -7.51 31.07
C GLU E 84 10.40 -6.18 30.90
N ILE E 85 10.69 -5.50 32.00
CA ILE E 85 11.45 -4.25 31.92
C ILE E 85 12.76 -4.48 31.19
N HIS E 86 13.62 -5.35 31.76
CA HIS E 86 14.91 -5.63 31.15
C HIS E 86 14.74 -6.28 29.79
N ALA E 87 13.74 -7.16 29.64
CA ALA E 87 13.51 -7.81 28.36
C ALA E 87 13.31 -6.78 27.25
N HIS E 88 12.32 -5.90 27.43
CA HIS E 88 12.01 -4.90 26.41
C HIS E 88 13.18 -3.94 26.21
N LEU E 89 13.83 -3.52 27.31
CA LEU E 89 14.94 -2.58 27.17
C LEU E 89 16.07 -3.18 26.34
N LYS E 90 16.46 -4.41 26.65
CA LYS E 90 17.55 -5.04 25.92
C LYS E 90 17.15 -5.40 24.51
N ALA E 91 15.87 -5.71 24.26
CA ALA E 91 15.42 -5.94 22.90
C ALA E 91 15.54 -4.67 22.07
N TYR E 92 15.09 -3.54 22.63
CA TYR E 92 15.26 -2.26 21.95
C TYR E 92 16.73 -1.99 21.67
N ALA E 93 17.58 -2.19 22.68
CA ALA E 93 19.01 -1.93 22.49
C ALA E 93 19.60 -2.84 21.44
N LYS E 94 19.11 -4.08 21.34
CA LYS E 94 19.63 -5.02 20.37
C LYS E 94 19.22 -4.63 18.95
N ILE E 95 17.97 -4.20 18.78
CA ILE E 95 17.53 -3.71 17.47
C ILE E 95 18.36 -2.49 17.08
N ASN E 96 18.58 -1.59 18.03
CA ASN E 96 19.43 -0.43 17.77
C ASN E 96 20.83 -0.86 17.36
N GLU E 97 21.37 -1.87 18.03
CA GLU E 97 22.72 -2.33 17.70
C GLU E 97 22.79 -2.92 16.30
N GLU E 98 21.77 -3.68 15.91
CA GLU E 98 21.74 -4.22 14.55
C GLU E 98 21.69 -3.09 13.52
N SER E 99 20.79 -2.13 13.74
CA SER E 99 20.69 -1.01 12.81
C SER E 99 22.00 -0.24 12.73
N LEU E 100 22.65 -0.04 13.88
CA LEU E 100 23.90 0.74 13.91
C LEU E 100 25.05 -0.04 13.30
N ASP E 101 25.06 -1.36 13.42
CA ASP E 101 26.09 -2.16 12.76
C ASP E 101 25.94 -2.06 11.25
N ARG E 102 24.71 -2.22 10.74
CA ARG E 102 24.49 -2.03 9.32
C ARG E 102 24.92 -0.62 8.89
N ALA E 103 24.61 0.38 9.72
CA ALA E 103 24.97 1.75 9.39
C ALA E 103 26.47 1.92 9.31
N ARG E 104 27.20 1.41 10.31
CA ARG E 104 28.64 1.48 10.30
C ARG E 104 29.22 0.81 9.05
N ARG E 105 28.68 -0.35 8.68
CA ARG E 105 29.25 -1.09 7.56
C ARG E 105 29.01 -0.37 6.24
N LEU E 106 27.81 0.18 6.05
CA LEU E 106 27.56 0.91 4.82
C LEU E 106 28.31 2.23 4.80
N LEU E 107 28.49 2.87 5.95
CA LEU E 107 29.32 4.06 6.03
C LEU E 107 30.74 3.74 5.61
N TRP E 108 31.29 2.64 6.13
CA TRP E 108 32.61 2.20 5.69
C TRP E 108 32.66 2.02 4.18
N TRP E 109 31.73 1.23 3.63
CA TRP E 109 31.75 0.95 2.21
C TRP E 109 31.70 2.25 1.39
N HIS E 110 30.82 3.16 1.77
CA HIS E 110 30.60 4.35 0.96
C HIS E 110 31.74 5.36 1.11
N TYR E 111 32.24 5.55 2.32
CA TYR E 111 33.40 6.41 2.53
C TYR E 111 34.62 5.89 1.77
N ASN E 112 34.85 4.58 1.81
CA ASN E 112 36.00 4.04 1.10
C ASN E 112 35.81 4.08 -0.40
N CYS E 113 34.59 3.89 -0.88
CA CYS E 113 34.35 4.03 -2.31
C CYS E 113 34.53 5.47 -2.76
N LEU E 114 34.14 6.42 -1.91
CA LEU E 114 34.37 7.83 -2.20
C LEU E 114 35.86 8.11 -2.32
N LEU E 115 36.64 7.63 -1.34
CA LEU E 115 38.08 7.84 -1.39
C LEU E 115 38.69 7.23 -2.64
N TRP E 116 38.56 5.91 -2.79
CA TRP E 116 39.30 5.17 -3.81
C TRP E 116 38.48 4.91 -5.07
N GLY E 117 37.31 4.29 -4.93
CA GLY E 117 36.53 3.89 -6.08
C GLY E 117 35.75 2.62 -5.82
N GLU E 118 34.52 2.58 -6.34
CA GLU E 118 33.70 1.37 -6.18
C GLU E 118 34.45 0.14 -6.67
N ALA E 119 35.15 0.26 -7.80
CA ALA E 119 35.87 -0.87 -8.36
C ALA E 119 37.01 -1.31 -7.43
N GLN E 120 37.85 -0.35 -7.03
CA GLN E 120 38.93 -0.67 -6.12
C GLN E 120 38.41 -1.37 -4.87
N VAL E 121 37.31 -0.88 -4.31
CA VAL E 121 36.84 -1.42 -3.03
C VAL E 121 36.21 -2.79 -3.21
N THR E 122 35.46 -2.99 -4.29
CA THR E 122 34.85 -4.30 -4.51
C THR E 122 35.92 -5.34 -4.81
N ASN E 123 36.97 -4.96 -5.56
CA ASN E 123 38.08 -5.88 -5.76
C ASN E 123 38.77 -6.20 -4.45
N TYR E 124 39.07 -5.17 -3.66
CA TYR E 124 39.67 -5.39 -2.35
C TYR E 124 38.85 -6.38 -1.53
N ILE E 125 37.52 -6.22 -1.54
CA ILE E 125 36.69 -7.05 -0.68
C ILE E 125 36.60 -8.47 -1.22
N SER E 126 36.55 -8.61 -2.55
CA SER E 126 36.60 -9.93 -3.14
C SER E 126 37.86 -10.66 -2.72
N ARG E 127 39.01 -10.01 -2.87
CA ARG E 127 40.27 -10.61 -2.49
C ARG E 127 40.30 -10.94 -0.99
N LEU E 128 39.82 -10.04 -0.16
CA LEU E 128 39.86 -10.26 1.27
C LEU E 128 38.95 -11.40 1.70
N ARG E 129 37.80 -11.55 1.04
CA ARG E 129 36.92 -12.67 1.37
C ARG E 129 37.51 -13.99 0.90
N THR E 130 38.04 -14.02 -0.32
CA THR E 130 38.76 -15.20 -0.78
C THR E 130 39.89 -15.56 0.17
N TRP E 131 40.53 -14.55 0.77
CA TRP E 131 41.63 -14.79 1.69
C TRP E 131 41.15 -15.30 3.04
N LEU E 132 40.05 -14.74 3.54
CA LEU E 132 39.56 -15.13 4.86
C LEU E 132 38.90 -16.50 4.84
N SER E 133 38.06 -16.76 3.84
CA SER E 133 37.42 -18.07 3.75
C SER E 133 38.44 -19.17 3.60
N THR E 134 39.47 -18.94 2.79
CA THR E 134 40.55 -19.90 2.66
C THR E 134 41.23 -20.10 4.00
N PRO E 135 41.59 -21.33 4.36
CA PRO E 135 42.37 -21.54 5.59
C PRO E 135 43.85 -21.35 5.33
N GLU E 136 44.59 -21.16 6.42
CA GLU E 136 46.03 -21.03 6.30
C GLU E 136 46.62 -22.32 5.75
N LYS E 137 47.89 -22.26 5.40
CA LYS E 137 48.65 -23.29 4.70
C LYS E 137 48.39 -23.25 3.20
N TYR E 138 47.43 -22.45 2.74
CA TYR E 138 47.22 -22.23 1.32
C TYR E 138 46.87 -20.76 1.04
N ARG E 139 47.18 -19.88 1.98
CA ARG E 139 46.59 -18.55 2.02
C ARG E 139 47.59 -17.44 1.71
N GLY E 140 48.68 -17.38 2.47
CA GLY E 140 49.51 -16.19 2.51
C GLY E 140 49.49 -15.61 3.92
N ARG E 141 50.65 -15.19 4.41
CA ARG E 141 50.75 -14.82 5.82
C ARG E 141 50.15 -13.45 6.10
N ASP E 142 50.18 -12.53 5.13
CA ASP E 142 49.69 -11.18 5.29
C ASP E 142 48.47 -10.96 4.41
N ALA E 143 47.42 -10.40 5.00
CA ALA E 143 46.17 -10.14 4.29
C ALA E 143 46.39 -9.22 3.11
N PRO E 144 45.41 -9.10 2.21
CA PRO E 144 45.52 -8.14 1.12
C PRO E 144 45.16 -6.75 1.59
N THR E 145 45.35 -5.78 0.70
CA THR E 145 45.16 -4.38 1.05
C THR E 145 44.89 -3.59 -0.22
N ILE E 146 44.61 -2.31 -0.04
CA ILE E 146 44.47 -1.37 -1.14
C ILE E 146 45.86 -0.80 -1.38
N GLU E 147 46.54 -1.33 -2.41
CA GLU E 147 47.95 -1.01 -2.64
C GLU E 147 48.21 0.46 -2.82
N ALA E 148 47.19 1.28 -3.08
CA ALA E 148 47.39 2.71 -3.22
C ALA E 148 47.72 3.39 -1.90
N ILE E 149 47.36 2.77 -0.77
CA ILE E 149 47.73 3.32 0.53
C ILE E 149 49.21 3.10 0.80
N THR E 150 49.62 1.84 0.88
CA THR E 150 50.99 1.48 1.21
C THR E 150 51.86 1.32 -0.03
N ARG E 151 51.84 2.35 -0.88
CA ARG E 151 52.82 2.45 -1.94
C ARG E 151 53.54 3.79 -1.83
N PRO E 152 54.85 3.83 -2.04
CA PRO E 152 55.61 5.03 -1.69
C PRO E 152 55.29 6.20 -2.60
N ILE E 153 55.32 7.39 -2.02
CA ILE E 153 55.15 8.64 -2.76
C ILE E 153 56.53 9.05 -3.24
N GLN E 154 56.86 8.70 -4.47
CA GLN E 154 58.19 8.94 -5.01
C GLN E 154 58.30 10.38 -5.52
N VAL E 155 59.40 11.04 -5.17
CA VAL E 155 59.67 12.40 -5.59
C VAL E 155 61.14 12.51 -5.96
N ALA E 156 61.43 13.05 -7.13
CA ALA E 156 62.81 13.21 -7.59
C ALA E 156 63.57 14.15 -6.66
N MET F 1 5.71 36.14 -6.29
CA MET F 1 6.57 36.69 -5.20
C MET F 1 8.00 36.87 -5.70
N ASP F 2 8.80 37.56 -4.90
CA ASP F 2 10.23 37.57 -5.14
C ASP F 2 10.79 36.19 -4.87
N ILE F 3 11.39 35.59 -5.90
CA ILE F 3 11.88 34.21 -5.76
C ILE F 3 12.87 34.10 -4.62
N ASN F 4 13.73 35.10 -4.46
CA ASN F 4 14.72 35.07 -3.38
C ASN F 4 14.04 35.06 -2.02
N ALA F 5 13.08 35.97 -1.81
CA ALA F 5 12.37 36.01 -0.53
C ALA F 5 11.60 34.72 -0.29
N SER F 6 11.06 34.13 -1.36
CA SER F 6 10.35 32.86 -1.23
C SER F 6 11.30 31.78 -0.74
N ARG F 7 12.40 31.57 -1.46
CA ARG F 7 13.38 30.56 -1.04
C ARG F 7 13.91 30.84 0.36
N ALA F 8 13.90 32.09 0.79
CA ALA F 8 14.41 32.41 2.12
C ALA F 8 13.39 32.10 3.20
N LEU F 9 12.11 32.36 2.93
CA LEU F 9 11.05 32.03 3.88
C LEU F 9 10.76 30.54 3.93
N ALA F 10 11.18 29.79 2.92
CA ALA F 10 10.89 28.37 2.83
C ALA F 10 11.91 27.58 3.64
N ASN F 11 11.49 27.08 4.80
CA ASN F 11 12.30 26.15 5.57
C ASN F 11 11.36 25.24 6.34
N VAL F 12 11.66 23.94 6.28
CA VAL F 12 10.72 22.95 6.77
C VAL F 12 10.55 23.04 8.29
N TYR F 13 11.58 23.46 9.00
CA TYR F 13 11.55 23.45 10.46
C TYR F 13 10.91 24.70 11.04
N ASP F 14 10.40 25.59 10.20
CA ASP F 14 9.61 26.73 10.68
C ASP F 14 8.19 26.33 11.02
N LEU F 15 7.70 25.21 10.47
CA LEU F 15 6.30 24.86 10.61
C LEU F 15 6.04 24.32 12.02
N PRO F 16 4.84 24.58 12.58
CA PRO F 16 4.61 24.43 14.02
C PRO F 16 4.17 23.03 14.47
N ASP F 17 4.85 22.01 13.96
CA ASP F 17 4.79 20.64 14.49
C ASP F 17 3.43 19.97 14.33
N ASP F 18 2.42 20.68 13.83
CA ASP F 18 1.10 20.10 13.62
C ASP F 18 0.65 20.14 12.18
N PHE F 19 1.32 20.91 11.34
CA PHE F 19 1.10 20.86 9.90
C PHE F 19 1.51 19.52 9.30
N PHE F 20 2.24 18.71 10.04
CA PHE F 20 2.85 17.52 9.47
C PHE F 20 1.99 16.30 9.76
N PRO F 21 1.63 15.52 8.75
CA PRO F 21 0.79 14.34 8.99
C PRO F 21 1.41 13.42 10.04
N LYS F 22 0.59 12.48 10.49
CA LYS F 22 1.05 11.52 11.48
C LYS F 22 2.10 10.60 10.86
N ILE F 23 2.85 9.92 11.73
CA ILE F 23 4.03 9.18 11.28
C ILE F 23 3.62 8.00 10.42
N ASP F 24 2.58 7.26 10.83
CA ASP F 24 2.13 6.12 10.04
C ASP F 24 1.67 6.55 8.66
N ASP F 25 0.81 7.56 8.61
CA ASP F 25 0.33 8.07 7.33
C ASP F 25 1.50 8.51 6.46
N LEU F 26 2.48 9.18 7.06
CA LEU F 26 3.60 9.71 6.28
C LEU F 26 4.43 8.58 5.69
N VAL F 27 4.80 7.59 6.52
CA VAL F 27 5.59 6.48 6.00
C VAL F 27 4.81 5.71 4.94
N ARG F 28 3.50 5.55 5.14
CA ARG F 28 2.70 4.83 4.17
C ARG F 28 2.69 5.54 2.82
N ASP F 29 2.40 6.85 2.84
CA ASP F 29 2.41 7.62 1.60
C ASP F 29 3.78 7.60 0.95
N ALA F 30 4.84 7.71 1.75
CA ALA F 30 6.19 7.70 1.21
C ALA F 30 6.48 6.38 0.49
N LYS F 31 6.17 5.26 1.14
CA LYS F 31 6.38 3.96 0.50
C LYS F 31 5.54 3.83 -0.76
N ASP F 32 4.28 4.26 -0.71
CA ASP F 32 3.42 4.16 -1.87
C ASP F 32 3.96 4.97 -3.04
N ALA F 33 4.59 6.10 -2.76
CA ALA F 33 5.18 6.91 -3.81
C ALA F 33 6.56 6.43 -4.24
N LEU F 34 7.23 5.66 -3.40
CA LEU F 34 8.61 5.26 -3.65
C LEU F 34 8.72 3.92 -4.37
N GLU F 35 7.84 2.97 -4.06
CA GLU F 35 7.99 1.62 -4.57
C GLU F 35 8.30 1.55 -6.06
N PRO F 36 7.75 2.39 -6.94
CA PRO F 36 8.24 2.36 -8.34
C PRO F 36 9.72 2.63 -8.45
N TYR F 37 10.21 3.69 -7.81
CA TYR F 37 11.63 3.99 -7.87
C TYR F 37 12.45 2.92 -7.17
N TRP F 38 11.92 2.33 -6.10
CA TRP F 38 12.60 1.23 -5.45
C TRP F 38 12.83 0.08 -6.42
N LYS F 39 11.76 -0.34 -7.11
CA LYS F 39 11.89 -1.43 -8.07
C LYS F 39 12.85 -1.05 -9.19
N SER F 40 12.73 0.16 -9.72
CA SER F 40 13.65 0.62 -10.75
C SER F 40 15.06 0.89 -10.23
N ASP F 41 15.29 0.72 -8.93
CA ASP F 41 16.60 0.95 -8.33
C ASP F 41 17.17 2.29 -8.77
N SER F 42 16.48 3.36 -8.38
CA SER F 42 16.84 4.70 -8.78
C SER F 42 17.89 5.28 -7.83
N ILE F 43 18.60 6.28 -8.33
CA ILE F 43 19.71 6.88 -7.59
C ILE F 43 19.40 8.28 -7.11
N LYS F 44 18.27 8.86 -7.51
CA LYS F 44 18.07 10.29 -7.34
C LYS F 44 17.94 10.69 -5.87
N LYS F 45 18.33 11.93 -5.60
CA LYS F 45 18.49 12.50 -4.27
C LYS F 45 17.30 12.22 -3.36
N HIS F 46 16.10 12.64 -3.80
CA HIS F 46 14.94 12.57 -2.93
C HIS F 46 14.55 11.14 -2.63
N VAL F 47 14.66 10.26 -3.64
CA VAL F 47 14.39 8.85 -3.42
C VAL F 47 15.33 8.30 -2.35
N LEU F 48 16.63 8.50 -2.53
CA LEU F 48 17.60 7.98 -1.57
C LEU F 48 17.30 8.48 -0.17
N ILE F 49 17.05 9.78 -0.03
CA ILE F 49 16.92 10.36 1.30
C ILE F 49 15.63 9.91 1.96
N ALA F 50 14.53 9.92 1.21
CA ALA F 50 13.27 9.42 1.75
C ALA F 50 13.40 7.97 2.18
N THR F 51 14.14 7.16 1.42
CA THR F 51 14.33 5.77 1.81
C THR F 51 15.11 5.67 3.10
N HIS F 52 16.22 6.42 3.20
CA HIS F 52 17.00 6.40 4.43
C HIS F 52 16.14 6.78 5.62
N PHE F 53 15.28 7.78 5.47
CA PHE F 53 14.52 8.26 6.61
C PHE F 53 13.38 7.31 6.97
N VAL F 54 12.75 6.70 5.96
CA VAL F 54 11.79 5.64 6.22
C VAL F 54 12.45 4.55 7.06
N ASP F 55 13.65 4.14 6.67
CA ASP F 55 14.35 3.10 7.41
C ASP F 55 14.65 3.55 8.84
N LEU F 56 15.17 4.77 8.98
CA LEU F 56 15.48 5.32 10.30
C LEU F 56 14.26 5.27 11.20
N ILE F 57 13.13 5.75 10.70
CA ILE F 57 11.90 5.77 11.50
C ILE F 57 11.50 4.35 11.87
N GLU F 58 11.31 3.50 10.85
CA GLU F 58 10.95 2.11 11.10
C GLU F 58 11.82 1.50 12.19
N ASP F 59 13.10 1.86 12.22
CA ASP F 59 14.01 1.24 13.17
C ASP F 59 13.85 1.81 14.58
N PHE F 60 13.74 3.13 14.72
CA PHE F 60 13.90 3.75 16.03
C PHE F 60 12.62 4.30 16.65
N TRP F 61 11.57 4.53 15.88
CA TRP F 61 10.36 5.12 16.43
C TRP F 61 9.79 4.27 17.56
N GLN F 62 9.50 3.01 17.27
CA GLN F 62 8.86 2.14 18.24
C GLN F 62 9.75 1.94 19.46
N THR F 63 11.06 1.85 19.25
CA THR F 63 11.98 1.72 20.37
C THR F 63 11.90 2.96 21.28
N THR F 64 11.83 4.15 20.68
CA THR F 64 11.75 5.36 21.49
C THR F 64 10.43 5.41 22.27
N GLN F 65 9.33 5.06 21.61
CA GLN F 65 8.06 5.02 22.32
C GLN F 65 8.10 4.03 23.48
N GLY F 66 8.69 2.85 23.25
CA GLY F 66 8.84 1.90 24.33
C GLY F 66 9.72 2.41 25.44
N MET F 67 10.74 3.21 25.10
CA MET F 67 11.58 3.80 26.12
C MET F 67 10.79 4.77 26.99
N HIS F 68 9.93 5.57 26.36
CA HIS F 68 9.09 6.48 27.14
C HIS F 68 8.13 5.70 28.04
N GLU F 69 7.51 4.64 27.48
CA GLU F 69 6.65 3.78 28.30
C GLU F 69 7.41 3.23 29.50
N ILE F 70 8.64 2.76 29.27
CA ILE F 70 9.44 2.19 30.34
C ILE F 70 9.75 3.25 31.39
N ALA F 71 10.09 4.46 30.95
CA ALA F 71 10.37 5.53 31.90
C ALA F 71 9.17 5.83 32.76
N GLU F 72 7.98 5.92 32.15
CA GLU F 72 6.79 6.21 32.94
C GLU F 72 6.45 5.08 33.90
N SER F 73 6.62 3.82 33.45
CA SER F 73 6.32 2.69 34.31
C SER F 73 7.26 2.63 35.50
N LEU F 74 8.56 2.83 35.28
CA LEU F 74 9.49 2.83 36.41
C LEU F 74 9.26 4.03 37.32
N ARG F 75 8.84 5.16 36.76
CA ARG F 75 8.47 6.30 37.60
C ARG F 75 7.31 5.93 38.50
N ALA F 76 6.29 5.28 37.96
CA ALA F 76 5.15 4.84 38.76
C ALA F 76 5.61 3.86 39.84
N VAL F 77 6.40 2.87 39.46
CA VAL F 77 6.84 1.85 40.43
C VAL F 77 7.65 2.50 41.55
N GLY F 78 8.47 3.50 41.21
CA GLY F 78 9.23 4.23 42.21
C GLY F 78 10.52 3.55 42.63
N GLY F 79 10.40 2.48 43.43
CA GLY F 79 11.60 1.81 43.93
C GLY F 79 12.45 1.23 42.82
N SER F 80 11.81 0.67 41.79
CA SER F 80 12.56 0.11 40.67
C SER F 80 13.44 1.17 40.04
N GLY F 81 14.61 0.75 39.57
CA GLY F 81 15.56 1.68 38.98
C GLY F 81 16.02 2.74 39.96
N GLY F 82 15.57 3.97 39.76
CA GLY F 82 15.96 5.05 40.65
C GLY F 82 15.65 6.40 40.02
N ALA F 83 16.43 7.40 40.41
CA ALA F 83 16.23 8.76 39.95
C ALA F 83 17.09 9.08 38.73
N GLU F 84 18.42 8.95 38.87
CA GLU F 84 19.29 9.22 37.74
C GLU F 84 19.02 8.28 36.58
N ILE F 85 18.51 7.08 36.87
CA ILE F 85 18.13 6.16 35.80
C ILE F 85 16.99 6.75 34.98
N HIS F 86 15.93 7.19 35.66
CA HIS F 86 14.83 7.86 34.98
C HIS F 86 15.32 9.07 34.21
N ALA F 87 16.21 9.86 34.81
CA ALA F 87 16.70 11.07 34.15
C ALA F 87 17.42 10.72 32.86
N HIS F 88 18.36 9.77 32.92
CA HIS F 88 19.13 9.41 31.73
C HIS F 88 18.24 8.80 30.67
N LEU F 89 17.29 7.95 31.07
CA LEU F 89 16.39 7.33 30.10
C LEU F 89 15.54 8.39 29.40
N LYS F 90 15.01 9.34 30.15
CA LYS F 90 14.22 10.40 29.55
C LYS F 90 15.07 11.27 28.63
N ALA F 91 16.33 11.54 29.02
CA ALA F 91 17.19 12.33 28.15
C ALA F 91 17.50 11.60 26.85
N TYR F 92 17.73 10.29 26.92
CA TYR F 92 17.97 9.51 25.72
C TYR F 92 16.74 9.52 24.82
N ALA F 93 15.56 9.29 25.41
CA ALA F 93 14.33 9.33 24.64
C ALA F 93 14.12 10.71 24.01
N LYS F 94 14.51 11.77 24.73
CA LYS F 94 14.35 13.12 24.20
C LYS F 94 15.26 13.36 23.01
N ILE F 95 16.52 12.93 23.11
CA ILE F 95 17.44 13.08 21.98
C ILE F 95 16.93 12.30 20.77
N ASN F 96 16.49 11.06 21.02
CA ASN F 96 15.95 10.26 19.92
C ASN F 96 14.72 10.92 19.32
N GLU F 97 13.90 11.56 20.16
CA GLU F 97 12.70 12.23 19.64
C GLU F 97 13.06 13.44 18.80
N GLU F 98 14.10 14.18 19.19
CA GLU F 98 14.57 15.28 18.35
C GLU F 98 15.02 14.75 16.99
N SER F 99 15.83 13.69 17.01
CA SER F 99 16.30 13.13 15.74
C SER F 99 15.13 12.64 14.88
N LEU F 100 14.13 12.04 15.52
CA LEU F 100 12.99 11.51 14.76
C LEU F 100 12.08 12.62 14.26
N ASP F 101 11.95 13.72 15.00
CA ASP F 101 11.23 14.88 14.49
C ASP F 101 11.92 15.44 13.26
N ARG F 102 13.23 15.61 13.33
CA ARG F 102 13.98 16.05 12.15
C ARG F 102 13.77 15.09 10.98
N ALA F 103 13.76 13.79 11.27
CA ALA F 103 13.56 12.80 10.22
C ALA F 103 12.17 12.91 9.60
N ARG F 104 11.16 13.11 10.44
CA ARG F 104 9.79 13.28 9.95
C ARG F 104 9.69 14.48 9.04
N ARG F 105 10.28 15.60 9.46
CA ARG F 105 10.20 16.82 8.67
C ARG F 105 10.89 16.65 7.32
N LEU F 106 12.09 16.06 7.34
CA LEU F 106 12.82 15.86 6.09
C LEU F 106 12.14 14.84 5.20
N LEU F 107 11.50 13.83 5.80
CA LEU F 107 10.75 12.85 5.03
C LEU F 107 9.58 13.51 4.32
N TRP F 108 8.80 14.31 5.05
CA TRP F 108 7.74 15.08 4.41
C TRP F 108 8.29 15.91 3.27
N TRP F 109 9.35 16.67 3.53
CA TRP F 109 9.94 17.52 2.51
C TRP F 109 10.28 16.73 1.25
N HIS F 110 10.98 15.61 1.42
CA HIS F 110 11.51 14.90 0.26
C HIS F 110 10.41 14.13 -0.47
N TYR F 111 9.48 13.53 0.27
CA TYR F 111 8.33 12.90 -0.35
C TYR F 111 7.57 13.91 -1.22
N ASN F 112 7.27 15.08 -0.68
CA ASN F 112 6.49 16.05 -1.44
C ASN F 112 7.29 16.64 -2.60
N CYS F 113 8.59 16.85 -2.42
CA CYS F 113 9.41 17.33 -3.52
C CYS F 113 9.50 16.29 -4.63
N LEU F 114 9.51 15.01 -4.27
CA LEU F 114 9.50 13.95 -5.25
C LEU F 114 8.19 13.95 -6.03
N LEU F 115 7.07 14.01 -5.32
CA LEU F 115 5.78 14.07 -5.99
C LEU F 115 5.70 15.26 -6.96
N TRP F 116 5.78 16.47 -6.43
CA TRP F 116 5.53 17.67 -7.22
C TRP F 116 6.81 18.33 -7.72
N GLY F 117 7.73 18.66 -6.83
CA GLY F 117 8.89 19.45 -7.17
C GLY F 117 9.27 20.35 -6.01
N GLU F 118 10.56 20.43 -5.72
CA GLU F 118 10.99 21.18 -4.55
C GLU F 118 10.71 22.66 -4.72
N ALA F 119 10.69 23.15 -5.97
CA ALA F 119 10.27 24.51 -6.21
C ALA F 119 8.81 24.72 -5.83
N GLN F 120 7.94 23.79 -6.24
CA GLN F 120 6.53 23.87 -5.86
C GLN F 120 6.38 23.85 -4.35
N VAL F 121 7.11 22.96 -3.67
CA VAL F 121 6.98 22.88 -2.22
C VAL F 121 7.54 24.12 -1.56
N THR F 122 8.58 24.72 -2.13
CA THR F 122 9.12 25.97 -1.60
C THR F 122 8.09 27.08 -1.68
N ASN F 123 7.51 27.28 -2.86
CA ASN F 123 6.44 28.25 -2.99
C ASN F 123 5.30 27.96 -2.03
N TYR F 124 4.96 26.69 -1.86
CA TYR F 124 3.88 26.32 -0.96
C TYR F 124 4.18 26.75 0.47
N ILE F 125 5.38 26.42 0.96
CA ILE F 125 5.73 26.77 2.33
C ILE F 125 5.79 28.28 2.51
N SER F 126 6.32 28.99 1.52
CA SER F 126 6.38 30.44 1.62
C SER F 126 4.99 31.05 1.70
N ARG F 127 4.13 30.72 0.74
CA ARG F 127 2.78 31.26 0.73
C ARG F 127 2.01 30.84 1.96
N LEU F 128 2.30 29.67 2.51
CA LEU F 128 1.63 29.24 3.74
C LEU F 128 2.10 30.06 4.92
N ARG F 129 3.39 30.35 5.00
CA ARG F 129 3.89 31.20 6.08
C ARG F 129 3.23 32.57 6.02
N THR F 130 3.16 33.15 4.82
CA THR F 130 2.46 34.43 4.67
C THR F 130 1.01 34.32 5.11
N TRP F 131 0.25 33.44 4.48
CA TRP F 131 -1.16 33.25 4.80
C TRP F 131 -1.39 32.94 6.27
N LEU F 132 -0.39 32.44 6.97
CA LEU F 132 -0.55 32.07 8.37
C LEU F 132 -0.08 33.15 9.33
N SER F 133 0.73 34.10 8.88
CA SER F 133 1.06 35.25 9.70
C SER F 133 -0.06 36.28 9.67
N THR F 134 -0.80 36.36 8.57
CA THR F 134 -1.91 37.28 8.47
C THR F 134 -3.04 36.85 9.41
N PRO F 135 -3.76 37.79 10.01
CA PRO F 135 -4.89 37.41 10.86
C PRO F 135 -5.96 36.65 10.08
N GLU F 136 -6.93 36.13 10.82
CA GLU F 136 -7.89 35.19 10.25
C GLU F 136 -8.84 35.86 9.27
N LYS F 137 -9.29 37.08 9.59
CA LYS F 137 -10.35 37.69 8.79
C LYS F 137 -9.85 38.31 7.50
N TYR F 138 -8.57 38.66 7.42
CA TYR F 138 -7.99 39.18 6.19
C TYR F 138 -7.28 38.09 5.38
N ARG F 139 -7.28 36.86 5.88
CA ARG F 139 -6.77 35.74 5.09
C ARG F 139 -7.69 35.45 3.90
N GLY F 140 -8.94 35.13 4.19
CA GLY F 140 -9.90 34.79 3.16
C GLY F 140 -10.63 33.51 3.49
N ARG F 141 -10.96 32.74 2.47
CA ARG F 141 -11.54 31.42 2.63
C ARG F 141 -10.91 30.44 1.65
N ASP F 142 -9.66 30.69 1.27
CA ASP F 142 -8.97 29.87 0.28
C ASP F 142 -7.50 29.83 0.68
N ALA F 143 -7.12 28.78 1.41
CA ALA F 143 -5.74 28.59 1.81
C ALA F 143 -4.88 28.23 0.60
N PRO F 144 -3.57 28.26 0.75
CA PRO F 144 -2.69 27.88 -0.36
C PRO F 144 -2.51 26.37 -0.48
N THR F 145 -2.27 25.94 -1.70
CA THR F 145 -2.14 24.52 -2.03
C THR F 145 -1.30 24.40 -3.29
N ILE F 146 -1.17 23.17 -3.78
CA ILE F 146 -0.40 22.88 -4.99
C ILE F 146 -1.29 22.47 -6.14
N GLU F 147 -2.32 21.67 -5.86
CA GLU F 147 -3.41 21.41 -6.81
C GLU F 147 -2.89 20.79 -8.11
N ALA F 148 -2.41 19.57 -7.99
CA ALA F 148 -2.11 18.76 -9.16
C ALA F 148 -3.28 18.79 -10.14
N ILE F 149 -2.97 18.62 -11.42
CA ILE F 149 -3.97 18.66 -12.48
C ILE F 149 -3.71 17.51 -13.45
N THR F 150 -4.80 17.04 -14.06
CA THR F 150 -4.74 15.94 -15.02
C THR F 150 -5.35 16.40 -16.34
N ARG F 151 -4.78 15.92 -17.44
CA ARG F 151 -5.22 16.27 -18.78
C ARG F 151 -5.70 15.03 -19.52
N PRO F 152 -6.86 15.07 -20.19
CA PRO F 152 -7.31 13.89 -20.94
C PRO F 152 -6.52 13.69 -22.23
#